data_5RHT
#
_entry.id   5RHT
#
_cell.length_a   53.420
_cell.length_b   68.934
_cell.length_c   57.182
_cell.angle_alpha   90.000
_cell.angle_beta   92.320
_cell.angle_gamma   90.000
#
_symmetry.space_group_name_H-M   'P 1 21 1'
#
loop_
_entity.id
_entity.type
_entity.pdbx_description
1 polymer 'NS3 Helicase'
2 non-polymer 1,2-ETHANEDIOL
3 non-polymer 'PHOSPHATE ION'
4 non-polymer (4S)-2-METHYL-2,4-PENTANEDIOL
5 non-polymer 1-[2-(trifluoromethyloxy)phenyl]thiourea
6 water water
#
_entity_poly.entity_id   1
_entity_poly.type   'polypeptide(L)'
_entity_poly.pdbx_seq_one_letter_code
;MLKKKQLTVLDLHPGAGKTRRVLPEIVREAIKKRLRTVILAPTRVVAAEMEEALRGLPVRYMTTAVNVTHSGTEIVDLMC
HATFTSRLLQPIRVPNYNLNIMDEAHFTDPSSIAARGYISTRVEMGEAAAIFMTATPPGTRDAFPDSNSPIMDTEVEVPE
RAWSSGFDWVTDHSGKTVWFVPSVRNGNEIAACLTKAGKRVIQLSRKTFETEFQKTKNQEWDFVITTDISEMGANFKADR
VIDSRRCLKPVILDGERVILAGPMPVTHASAAQRRGRIGRNPNKPGDEYMYGGGCAETDEGHAHWLEARMLLDNIYLQDG
LIASLYRPEADKVAAIEGEFKLRTEQRKTFVELMKRGDLPVWLAYQVASAGITYTDRRWCFDGTTNNTIMEDSVPAEVWT
KYGEKRVLKPRWMDARVCSDHAALKSFKEFAAGKR
;
_entity_poly.pdbx_strand_id   A
#
# COMPACT_ATOMS: atom_id res chain seq x y z
N MET A 1 -10.25 -21.56 13.93
CA MET A 1 -9.42 -20.36 13.62
C MET A 1 -8.95 -19.67 14.92
N LEU A 2 -9.81 -19.62 15.96
CA LEU A 2 -9.74 -18.59 17.05
C LEU A 2 -8.81 -19.01 18.21
N LYS A 3 -8.48 -20.31 18.32
CA LYS A 3 -7.49 -20.92 19.25
C LYS A 3 -6.13 -20.23 19.15
N LYS A 4 -5.58 -19.82 20.30
CA LYS A 4 -4.20 -19.28 20.43
C LYS A 4 -3.27 -20.09 19.53
N LYS A 5 -2.03 -19.64 19.41
CA LYS A 5 -0.95 -20.15 18.52
C LYS A 5 -1.50 -20.62 17.16
N GLN A 6 -2.61 -20.10 16.65
CA GLN A 6 -3.03 -20.42 15.24
C GLN A 6 -2.93 -19.18 14.34
N LEU A 7 -2.24 -19.31 13.19
CA LEU A 7 -2.36 -18.37 12.06
C LEU A 7 -3.06 -19.07 10.90
N THR A 8 -4.24 -18.57 10.54
CA THR A 8 -5.05 -19.08 9.41
C THR A 8 -4.97 -18.13 8.23
N VAL A 9 -4.67 -18.66 7.04
CA VAL A 9 -4.71 -17.93 5.76
C VAL A 9 -6.07 -18.26 5.14
N LEU A 10 -6.98 -17.28 5.17
CA LEU A 10 -8.30 -17.36 4.53
C LEU A 10 -8.09 -16.86 3.10
N ASP A 11 -7.95 -17.82 2.20
CA ASP A 11 -7.47 -17.64 0.81
C ASP A 11 -8.62 -17.97 -0.16
N LEU A 12 -9.85 -17.70 0.20
CA LEU A 12 -10.97 -17.83 -0.76
C LEU A 12 -10.67 -16.93 -1.96
N HIS A 13 -11.14 -17.28 -3.15
CA HIS A 13 -10.92 -16.48 -4.38
C HIS A 13 -11.46 -15.05 -4.22
N PRO A 14 -10.94 -14.09 -5.01
CA PRO A 14 -11.44 -12.73 -4.98
C PRO A 14 -12.97 -12.73 -5.22
N GLY A 15 -13.69 -11.96 -4.40
CA GLY A 15 -15.15 -11.82 -4.48
C GLY A 15 -15.88 -13.00 -3.84
N ALA A 16 -15.19 -13.90 -3.14
CA ALA A 16 -15.81 -15.09 -2.50
C ALA A 16 -16.66 -14.67 -1.28
N GLY A 17 -16.48 -13.46 -0.76
CA GLY A 17 -17.25 -12.93 0.40
C GLY A 17 -16.46 -12.89 1.69
N LYS A 18 -15.12 -12.91 1.62
CA LYS A 18 -14.26 -12.87 2.85
C LYS A 18 -14.65 -11.65 3.70
N THR A 19 -14.79 -10.47 3.12
CA THR A 19 -14.98 -9.21 3.89
C THR A 19 -16.44 -9.09 4.34
N ARG A 20 -17.41 -9.32 3.47
CA ARG A 20 -18.84 -9.01 3.77
C ARG A 20 -19.55 -10.19 4.44
N ARG A 21 -19.10 -11.43 4.29
CA ARG A 21 -19.83 -12.62 4.80
C ARG A 21 -19.02 -13.28 5.91
N VAL A 22 -17.76 -13.63 5.64
CA VAL A 22 -16.93 -14.42 6.61
C VAL A 22 -16.55 -13.51 7.79
N LEU A 23 -16.02 -12.31 7.52
CA LEU A 23 -15.49 -11.46 8.61
C LEU A 23 -16.54 -11.22 9.71
N PRO A 24 -17.83 -10.90 9.43
CA PRO A 24 -18.80 -10.71 10.50
C PRO A 24 -19.02 -11.96 11.37
N GLU A 25 -18.94 -13.15 10.75
CA GLU A 25 -19.07 -14.46 11.44
C GLU A 25 -17.88 -14.62 12.40
N ILE A 26 -16.66 -14.34 11.93
CA ILE A 26 -15.45 -14.40 12.80
C ILE A 26 -15.61 -13.44 13.98
N VAL A 27 -16.00 -12.20 13.68
CA VAL A 27 -16.16 -11.14 14.72
C VAL A 27 -17.22 -11.57 15.73
N ARG A 28 -18.35 -12.11 15.32
CA ARG A 28 -19.38 -12.56 16.28
C ARG A 28 -18.82 -13.67 17.18
N GLU A 29 -18.13 -14.63 16.57
CA GLU A 29 -17.51 -15.73 17.36
C GLU A 29 -16.49 -15.14 18.32
N ALA A 30 -15.69 -14.19 17.88
CA ALA A 30 -14.63 -13.59 18.74
C ALA A 30 -15.26 -12.91 19.95
N ILE A 31 -16.36 -12.17 19.75
CA ILE A 31 -17.05 -11.45 20.86
C ILE A 31 -17.64 -12.49 21.85
N LYS A 32 -18.23 -13.56 21.33
CA LYS A 32 -18.77 -14.70 22.14
C LYS A 32 -17.65 -15.25 23.05
N LYS A 33 -16.43 -15.40 22.54
CA LYS A 33 -15.30 -15.99 23.28
C LYS A 33 -14.52 -14.94 24.06
N ARG A 34 -14.96 -13.67 24.08
CA ARG A 34 -14.31 -12.56 24.82
C ARG A 34 -12.85 -12.41 24.35
N LEU A 35 -12.57 -12.59 23.07
CA LEU A 35 -11.22 -12.35 22.48
C LEU A 35 -11.08 -10.86 22.17
N ARG A 36 -10.12 -10.19 22.80
CA ARG A 36 -9.75 -8.82 22.40
C ARG A 36 -9.21 -8.93 20.97
N THR A 37 -9.89 -8.28 20.03
CA THR A 37 -9.67 -8.47 18.58
C THR A 37 -9.31 -7.17 17.90
N VAL A 38 -8.38 -7.24 16.95
CA VAL A 38 -8.11 -6.10 16.04
C VAL A 38 -8.41 -6.56 14.63
N ILE A 39 -9.04 -5.67 13.85
CA ILE A 39 -9.32 -5.86 12.41
C ILE A 39 -8.53 -4.78 11.70
N LEU A 40 -7.71 -5.20 10.75
CA LEU A 40 -6.80 -4.27 10.04
C LEU A 40 -7.27 -4.11 8.59
N ALA A 41 -7.70 -2.92 8.23
CA ALA A 41 -8.14 -2.56 6.87
C ALA A 41 -6.97 -1.91 6.13
N PRO A 42 -6.76 -2.20 4.83
CA PRO A 42 -5.66 -1.58 4.11
C PRO A 42 -5.79 -0.07 3.91
N THR A 43 -7.04 0.38 3.77
CA THR A 43 -7.39 1.78 3.44
C THR A 43 -8.60 2.22 4.23
N ARG A 44 -8.79 3.53 4.28
N ARG A 44 -8.80 3.54 4.27
CA ARG A 44 -9.96 4.19 4.91
CA ARG A 44 -9.96 4.18 4.94
C ARG A 44 -11.20 3.75 4.13
C ARG A 44 -11.22 3.93 4.11
N VAL A 45 -11.07 3.60 2.81
CA VAL A 45 -12.20 3.18 1.96
C VAL A 45 -12.69 1.83 2.47
N VAL A 46 -11.79 0.88 2.68
CA VAL A 46 -12.19 -0.48 3.16
C VAL A 46 -12.72 -0.37 4.60
N ALA A 47 -12.09 0.41 5.47
CA ALA A 47 -12.55 0.68 6.84
C ALA A 47 -14.04 1.04 6.83
N ALA A 48 -14.42 2.02 5.99
CA ALA A 48 -15.84 2.45 5.81
C ALA A 48 -16.72 1.29 5.31
N GLU A 49 -16.31 0.51 4.32
CA GLU A 49 -17.10 -0.66 3.84
C GLU A 49 -17.24 -1.72 4.93
N MET A 50 -16.20 -1.89 5.74
CA MET A 50 -16.27 -2.81 6.90
C MET A 50 -17.33 -2.35 7.90
N GLU A 51 -17.45 -1.05 8.20
CA GLU A 51 -18.50 -0.58 9.14
C GLU A 51 -19.86 -1.07 8.61
N GLU A 52 -20.10 -1.02 7.31
CA GLU A 52 -21.42 -1.44 6.76
C GLU A 52 -21.62 -2.95 6.96
N ALA A 53 -20.60 -3.76 6.76
CA ALA A 53 -20.66 -5.24 6.86
C ALA A 53 -20.78 -5.68 8.30
N LEU A 54 -20.27 -4.86 9.23
CA LEU A 54 -20.20 -5.17 10.67
C LEU A 54 -21.27 -4.38 11.42
N ARG A 55 -22.16 -3.69 10.73
CA ARG A 55 -23.05 -2.69 11.40
C ARG A 55 -23.93 -3.43 12.41
N GLY A 56 -24.07 -2.88 13.62
CA GLY A 56 -24.81 -3.53 14.73
C GLY A 56 -23.90 -4.31 15.66
N LEU A 57 -22.76 -4.82 15.18
CA LEU A 57 -21.74 -5.50 16.01
C LEU A 57 -20.95 -4.44 16.76
N PRO A 58 -20.59 -4.70 18.03
CA PRO A 58 -19.86 -3.75 18.85
C PRO A 58 -18.39 -3.68 18.44
N VAL A 59 -18.09 -2.73 17.57
CA VAL A 59 -16.73 -2.56 17.01
C VAL A 59 -16.33 -1.10 17.21
N ARG A 60 -15.12 -0.88 17.74
CA ARG A 60 -14.50 0.45 17.93
C ARG A 60 -13.74 0.79 16.65
N TYR A 61 -14.19 1.82 15.95
CA TYR A 61 -13.58 2.28 14.67
C TYR A 61 -12.51 3.33 14.99
N MET A 62 -11.25 2.88 14.95
CA MET A 62 -10.09 3.71 15.33
C MET A 62 -9.62 4.45 14.07
N THR A 63 -10.53 5.27 13.52
CA THR A 63 -10.36 5.96 12.22
C THR A 63 -11.43 7.06 12.09
N THR A 64 -11.06 8.23 11.54
CA THR A 64 -12.02 9.33 11.27
C THR A 64 -12.82 9.03 10.01
N ALA A 65 -12.51 7.94 9.30
CA ALA A 65 -13.23 7.53 8.08
C ALA A 65 -14.69 7.13 8.40
N VAL A 66 -15.01 6.85 9.66
CA VAL A 66 -16.35 6.38 10.13
C VAL A 66 -16.85 7.42 11.15
N ASN A 67 -18.06 7.95 10.99
CA ASN A 67 -18.56 9.01 11.90
C ASN A 67 -19.55 8.36 12.85
N VAL A 68 -19.05 7.61 13.84
CA VAL A 68 -19.87 6.88 14.85
C VAL A 68 -19.44 7.26 16.28
N THR A 69 -20.38 7.04 17.20
CA THR A 69 -20.24 7.29 18.64
C THR A 69 -20.07 5.89 19.27
N HIS A 70 -18.85 5.59 19.74
CA HIS A 70 -18.47 4.26 20.30
C HIS A 70 -18.97 4.15 21.74
N SER A 71 -19.60 3.02 22.09
CA SER A 71 -20.21 2.73 23.41
C SER A 71 -19.16 2.74 24.52
N GLY A 72 -17.89 2.51 24.21
CA GLY A 72 -16.78 2.42 25.19
C GLY A 72 -16.61 0.99 25.72
N THR A 73 -17.53 0.07 25.37
CA THR A 73 -17.51 -1.34 25.83
C THR A 73 -16.96 -2.30 24.76
N GLU A 74 -16.63 -1.81 23.57
CA GLU A 74 -16.20 -2.72 22.47
C GLU A 74 -14.90 -3.41 22.87
N ILE A 75 -14.77 -4.72 22.55
CA ILE A 75 -13.47 -5.43 22.69
C ILE A 75 -12.90 -5.72 21.30
N VAL A 76 -13.57 -5.24 20.25
CA VAL A 76 -13.09 -5.40 18.86
C VAL A 76 -12.73 -4.02 18.33
N ASP A 77 -11.47 -3.86 17.92
CA ASP A 77 -10.97 -2.58 17.36
C ASP A 77 -10.79 -2.72 15.86
N LEU A 78 -11.03 -1.67 15.11
CA LEU A 78 -10.76 -1.69 13.65
C LEU A 78 -9.90 -0.46 13.33
N MET A 79 -8.77 -0.69 12.66
CA MET A 79 -7.91 0.42 12.24
C MET A 79 -7.22 0.02 10.95
N CYS A 80 -6.58 0.97 10.31
CA CYS A 80 -5.84 0.68 9.06
C CYS A 80 -4.55 -0.05 9.39
N HIS A 81 -4.02 -0.82 8.45
CA HIS A 81 -2.70 -1.51 8.62
C HIS A 81 -1.68 -0.48 9.12
N ALA A 82 -1.61 0.68 8.47
CA ALA A 82 -0.57 1.69 8.75
C ALA A 82 -0.71 2.20 10.19
N THR A 83 -1.94 2.39 10.63
CA THR A 83 -2.24 2.91 11.98
C THR A 83 -1.75 1.90 13.02
N PHE A 84 -1.96 0.62 12.78
CA PHE A 84 -1.47 -0.44 13.70
C PHE A 84 0.04 -0.32 13.91
N THR A 85 0.77 -0.31 12.80
CA THR A 85 2.25 -0.26 12.84
C THR A 85 2.72 1.06 13.45
N SER A 86 2.04 2.14 13.12
CA SER A 86 2.33 3.48 13.65
C SER A 86 2.20 3.46 15.18
N ARG A 87 1.11 2.92 15.70
CA ARG A 87 0.86 2.90 17.17
C ARG A 87 1.86 1.99 17.86
N LEU A 88 2.31 0.92 17.19
CA LEU A 88 3.35 0.03 17.77
C LEU A 88 4.65 0.83 17.92
N LEU A 89 4.96 1.65 16.92
CA LEU A 89 6.23 2.41 16.91
C LEU A 89 6.21 3.54 17.95
N GLN A 90 5.07 4.17 18.14
CA GLN A 90 4.90 5.32 19.06
C GLN A 90 4.87 4.86 20.51
N PRO A 91 5.13 5.80 21.46
CA PRO A 91 5.12 5.54 22.89
C PRO A 91 3.66 5.62 23.34
N ILE A 92 2.94 4.58 22.99
CA ILE A 92 1.48 4.43 23.21
C ILE A 92 1.28 2.93 23.33
N ARG A 93 0.55 2.53 24.36
CA ARG A 93 0.11 1.16 24.69
C ARG A 93 -0.82 0.67 23.58
N VAL A 94 -0.36 -0.35 22.89
CA VAL A 94 -1.23 -1.13 21.96
C VAL A 94 -1.62 -2.38 22.72
N PRO A 95 -2.91 -2.70 22.82
CA PRO A 95 -3.35 -3.88 23.56
C PRO A 95 -2.66 -5.11 22.97
N ASN A 96 -2.46 -6.15 23.77
CA ASN A 96 -1.92 -7.44 23.24
C ASN A 96 -3.13 -8.24 22.74
N TYR A 97 -3.60 -7.97 21.50
CA TYR A 97 -4.83 -8.55 20.91
C TYR A 97 -4.70 -10.07 20.91
N ASN A 98 -5.76 -10.75 21.35
CA ASN A 98 -5.84 -12.23 21.35
C ASN A 98 -6.04 -12.72 19.92
N LEU A 99 -6.75 -11.96 19.09
CA LEU A 99 -7.07 -12.30 17.69
C LEU A 99 -6.76 -11.07 16.83
N ASN A 100 -5.99 -11.32 15.78
CA ASN A 100 -5.44 -10.32 14.86
C ASN A 100 -5.97 -10.69 13.49
N ILE A 101 -6.89 -9.90 12.97
CA ILE A 101 -7.44 -10.18 11.63
C ILE A 101 -6.87 -9.14 10.68
N MET A 102 -6.21 -9.56 9.61
CA MET A 102 -5.73 -8.59 8.61
C MET A 102 -6.51 -8.82 7.33
N ASP A 103 -7.31 -7.85 6.90
CA ASP A 103 -7.96 -7.91 5.58
C ASP A 103 -6.98 -7.41 4.51
N GLU A 104 -7.18 -7.90 3.29
CA GLU A 104 -6.30 -7.59 2.12
C GLU A 104 -4.85 -7.76 2.59
N ALA A 105 -4.52 -8.93 3.11
CA ALA A 105 -3.26 -9.23 3.81
C ALA A 105 -2.11 -9.43 2.84
N HIS A 106 -2.39 -9.30 1.54
CA HIS A 106 -1.36 -9.32 0.47
C HIS A 106 -0.67 -7.94 0.37
N PHE A 107 -1.21 -6.89 0.98
CA PHE A 107 -0.69 -5.49 0.83
C PHE A 107 0.82 -5.47 1.09
N THR A 108 1.60 -4.94 0.15
CA THR A 108 3.09 -4.98 0.23
C THR A 108 3.67 -3.61 0.63
N ASP A 109 2.88 -2.65 1.11
CA ASP A 109 3.47 -1.42 1.71
C ASP A 109 4.23 -1.83 2.97
N PRO A 110 5.35 -1.12 3.28
CA PRO A 110 6.20 -1.50 4.38
C PRO A 110 5.43 -1.71 5.70
N SER A 111 4.47 -0.84 6.02
CA SER A 111 3.73 -0.92 7.30
C SER A 111 2.87 -2.19 7.35
N SER A 112 2.40 -2.68 6.20
CA SER A 112 1.57 -3.91 6.11
C SER A 112 2.47 -5.10 6.34
N ILE A 113 3.62 -5.13 5.67
CA ILE A 113 4.61 -6.24 5.86
C ILE A 113 5.01 -6.28 7.34
N ALA A 114 5.36 -5.11 7.94
CA ALA A 114 5.78 -5.03 9.35
C ALA A 114 4.66 -5.56 10.27
N ALA A 115 3.42 -5.13 10.01
CA ALA A 115 2.26 -5.60 10.81
C ALA A 115 2.19 -7.13 10.72
N ARG A 116 2.33 -7.72 9.53
CA ARG A 116 2.27 -9.21 9.41
C ARG A 116 3.42 -9.84 10.18
N GLY A 117 4.60 -9.23 10.18
CA GLY A 117 5.77 -9.75 10.90
C GLY A 117 5.54 -9.76 12.39
N TYR A 118 5.07 -8.65 12.93
CA TYR A 118 4.74 -8.50 14.35
C TYR A 118 3.69 -9.54 14.75
N ILE A 119 2.58 -9.61 14.00
CA ILE A 119 1.45 -10.50 14.33
C ILE A 119 1.91 -11.96 14.24
N SER A 120 2.58 -12.33 13.15
CA SER A 120 3.00 -13.76 12.96
C SER A 120 3.99 -14.11 14.06
N THR A 121 4.84 -13.19 14.52
CA THR A 121 5.80 -13.49 15.60
C THR A 121 5.03 -13.74 16.91
N ARG A 122 4.02 -12.93 17.24
CA ARG A 122 3.22 -13.14 18.47
C ARG A 122 2.53 -14.52 18.39
N VAL A 123 2.03 -14.90 17.23
CA VAL A 123 1.36 -16.22 17.07
C VAL A 123 2.41 -17.33 17.30
N GLU A 124 3.59 -17.20 16.68
CA GLU A 124 4.69 -18.20 16.80
C GLU A 124 5.11 -18.31 18.27
N MET A 125 5.10 -17.22 19.01
CA MET A 125 5.42 -17.24 20.45
C MET A 125 4.34 -17.94 21.27
N GLY A 126 3.17 -18.22 20.71
CA GLY A 126 2.05 -18.83 21.44
C GLY A 126 1.17 -17.83 22.15
N GLU A 127 1.24 -16.54 21.80
CA GLU A 127 0.63 -15.42 22.54
C GLU A 127 -0.73 -15.01 21.96
N ALA A 128 -1.06 -15.38 20.72
CA ALA A 128 -2.20 -14.81 19.98
C ALA A 128 -2.61 -15.72 18.82
N ALA A 129 -3.78 -15.49 18.28
CA ALA A 129 -4.23 -16.09 17.01
C ALA A 129 -4.26 -15.00 15.94
N ALA A 130 -4.21 -15.40 14.68
CA ALA A 130 -4.26 -14.45 13.56
C ALA A 130 -5.02 -15.06 12.41
N ILE A 131 -5.72 -14.22 11.67
CA ILE A 131 -6.33 -14.63 10.38
C ILE A 131 -5.88 -13.58 9.36
N PHE A 132 -5.22 -14.04 8.31
CA PHE A 132 -4.80 -13.22 7.16
C PHE A 132 -5.76 -13.51 6.01
N MET A 133 -6.58 -12.53 5.66
CA MET A 133 -7.62 -12.69 4.62
C MET A 133 -7.08 -12.18 3.28
N THR A 134 -6.86 -13.07 2.33
CA THR A 134 -6.40 -12.70 0.98
C THR A 134 -6.54 -13.90 0.04
N ALA A 135 -7.05 -13.63 -1.17
CA ALA A 135 -7.04 -14.57 -2.30
C ALA A 135 -5.59 -14.88 -2.72
N THR A 136 -4.61 -14.06 -2.37
CA THR A 136 -3.25 -14.14 -2.98
C THR A 136 -2.19 -14.04 -1.88
N PRO A 137 -1.98 -15.11 -1.10
CA PRO A 137 -0.92 -15.13 -0.10
C PRO A 137 0.48 -15.00 -0.69
N PRO A 138 1.50 -14.65 0.10
CA PRO A 138 2.85 -14.45 -0.44
C PRO A 138 3.38 -15.70 -1.16
N GLY A 139 3.91 -15.52 -2.36
CA GLY A 139 4.47 -16.62 -3.16
C GLY A 139 3.44 -17.32 -4.02
N THR A 140 2.17 -16.92 -3.95
CA THR A 140 1.16 -17.44 -4.90
C THR A 140 1.74 -17.34 -6.31
N ARG A 141 1.50 -18.37 -7.11
CA ARG A 141 2.04 -18.51 -8.48
C ARG A 141 0.88 -18.47 -9.48
N ASP A 142 -0.35 -18.27 -9.01
CA ASP A 142 -1.57 -18.36 -9.86
C ASP A 142 -2.10 -16.94 -10.14
N ALA A 143 -1.83 -16.41 -11.32
CA ALA A 143 -2.35 -15.10 -11.75
C ALA A 143 -3.81 -15.20 -12.19
N PHE A 144 -4.38 -16.39 -12.34
CA PHE A 144 -5.75 -16.55 -12.89
C PHE A 144 -6.61 -17.40 -11.96
N PRO A 145 -6.85 -16.96 -10.70
CA PRO A 145 -7.66 -17.75 -9.78
C PRO A 145 -9.14 -17.76 -10.17
N ASP A 146 -9.92 -18.53 -9.44
CA ASP A 146 -11.36 -18.59 -9.71
C ASP A 146 -12.00 -17.23 -9.46
N SER A 147 -13.19 -17.05 -10.02
CA SER A 147 -13.98 -15.80 -9.92
C SER A 147 -15.45 -16.16 -9.72
N ASN A 148 -16.26 -15.18 -9.35
CA ASN A 148 -17.73 -15.35 -9.18
C ASN A 148 -18.34 -15.66 -10.53
N SER A 149 -17.85 -15.09 -11.64
CA SER A 149 -18.30 -15.44 -13.00
C SER A 149 -17.13 -15.54 -13.96
N PRO A 150 -17.31 -16.29 -15.06
CA PRO A 150 -16.25 -16.46 -16.03
C PRO A 150 -15.69 -15.13 -16.52
N ILE A 151 -14.37 -15.12 -16.65
CA ILE A 151 -13.60 -13.97 -17.19
C ILE A 151 -13.03 -14.36 -18.55
N MET A 152 -13.06 -13.41 -19.50
CA MET A 152 -12.40 -13.55 -20.81
C MET A 152 -10.97 -13.00 -20.61
N ASP A 153 -9.98 -13.88 -20.55
CA ASP A 153 -8.54 -13.53 -20.37
C ASP A 153 -7.87 -13.39 -21.74
N THR A 154 -7.29 -12.24 -22.05
CA THR A 154 -6.63 -12.06 -23.36
C THR A 154 -5.31 -11.39 -23.16
N GLU A 155 -4.25 -12.05 -23.66
CA GLU A 155 -2.91 -11.45 -23.69
C GLU A 155 -2.87 -10.52 -24.88
N VAL A 156 -2.59 -9.24 -24.68
CA VAL A 156 -2.68 -8.22 -25.76
C VAL A 156 -1.69 -7.10 -25.46
N GLU A 157 -1.14 -6.46 -26.51
CA GLU A 157 -0.28 -5.26 -26.30
C GLU A 157 -1.16 -4.14 -25.72
N VAL A 158 -0.74 -3.59 -24.58
CA VAL A 158 -1.46 -2.51 -23.87
C VAL A 158 -0.62 -1.25 -24.02
N PRO A 159 -1.21 -0.13 -24.46
CA PRO A 159 -0.46 1.11 -24.54
C PRO A 159 0.03 1.56 -23.15
N GLU A 160 1.21 2.16 -23.10
CA GLU A 160 1.76 2.81 -21.89
C GLU A 160 2.11 4.26 -22.22
N ARG A 161 1.71 4.72 -23.39
CA ARG A 161 1.94 6.10 -23.84
C ARG A 161 0.71 6.50 -24.62
N ALA A 162 0.53 7.78 -24.88
CA ALA A 162 -0.54 8.25 -25.77
C ALA A 162 -0.44 7.46 -27.09
N TRP A 163 -1.55 7.22 -27.77
CA TRP A 163 -1.54 6.50 -29.07
C TRP A 163 -2.53 7.17 -30.04
N SER A 164 -2.29 6.96 -31.34
CA SER A 164 -3.08 7.52 -32.46
C SER A 164 -3.80 6.39 -33.22
N SER A 165 -3.28 5.17 -33.16
CA SER A 165 -3.75 4.04 -33.97
C SER A 165 -3.23 2.73 -33.41
N GLY A 166 -3.85 1.63 -33.82
CA GLY A 166 -3.36 0.29 -33.43
C GLY A 166 -4.04 -0.27 -32.20
N PHE A 167 -4.80 0.54 -31.43
CA PHE A 167 -5.45 0.06 -30.18
C PHE A 167 -6.94 0.40 -30.18
N ASP A 168 -7.64 0.19 -31.29
CA ASP A 168 -9.07 0.59 -31.38
C ASP A 168 -9.87 -0.13 -30.29
N TRP A 169 -9.50 -1.36 -29.95
CA TRP A 169 -10.24 -2.17 -28.95
C TRP A 169 -10.34 -1.41 -27.62
N VAL A 170 -9.35 -0.59 -27.33
CA VAL A 170 -9.36 0.20 -26.06
C VAL A 170 -10.58 1.12 -26.05
N THR A 171 -10.78 1.92 -27.10
CA THR A 171 -11.78 3.02 -27.09
C THR A 171 -13.10 2.53 -27.66
N ASP A 172 -13.11 1.40 -28.38
CA ASP A 172 -14.39 0.92 -29.01
C ASP A 172 -15.36 0.38 -27.97
N HIS A 173 -14.89 0.04 -26.81
CA HIS A 173 -15.64 -0.51 -25.68
C HIS A 173 -16.70 0.47 -25.15
N SER A 174 -17.88 -0.02 -24.78
CA SER A 174 -18.99 0.88 -24.36
C SER A 174 -19.25 0.74 -22.86
N GLY A 175 -18.46 -0.06 -22.14
CA GLY A 175 -18.64 -0.33 -20.70
C GLY A 175 -17.68 0.48 -19.85
N LYS A 176 -17.35 -0.05 -18.69
CA LYS A 176 -16.49 0.64 -17.71
C LYS A 176 -15.21 -0.19 -17.54
N THR A 177 -14.07 0.49 -17.65
CA THR A 177 -12.74 -0.14 -17.63
C THR A 177 -11.95 0.36 -16.44
N VAL A 178 -11.37 -0.57 -15.71
CA VAL A 178 -10.31 -0.26 -14.74
C VAL A 178 -8.96 -0.58 -15.35
N TRP A 179 -8.09 0.40 -15.44
CA TRP A 179 -6.78 0.27 -16.14
C TRP A 179 -5.65 0.47 -15.15
N PHE A 180 -4.88 -0.59 -14.91
CA PHE A 180 -3.70 -0.58 -14.01
C PHE A 180 -2.48 -0.12 -14.79
N VAL A 181 -1.92 0.98 -14.31
CA VAL A 181 -0.68 1.62 -14.86
C VAL A 181 0.45 1.48 -13.84
N PRO A 182 1.71 1.53 -14.31
CA PRO A 182 2.83 1.36 -13.38
C PRO A 182 3.20 2.56 -12.52
N SER A 183 2.66 3.75 -12.83
CA SER A 183 2.99 4.97 -12.08
C SER A 183 1.92 6.03 -12.27
N VAL A 184 1.92 7.03 -11.40
CA VAL A 184 1.07 8.22 -11.56
C VAL A 184 1.38 8.91 -12.89
N ARG A 185 2.65 9.15 -13.21
CA ARG A 185 3.01 9.92 -14.42
C ARG A 185 2.54 9.17 -15.66
N ASN A 186 2.66 7.84 -15.67
N ASN A 186 2.67 7.85 -15.64
CA ASN A 186 2.20 7.01 -16.82
CA ASN A 186 2.20 6.98 -16.75
C ASN A 186 0.68 7.13 -16.93
C ASN A 186 0.69 7.15 -16.92
N GLY A 187 -0.05 7.06 -15.81
CA GLY A 187 -1.52 7.18 -15.86
C GLY A 187 -1.95 8.55 -16.35
N ASN A 188 -1.18 9.60 -16.04
CA ASN A 188 -1.48 10.98 -16.45
C ASN A 188 -1.50 11.01 -17.99
N GLU A 189 -0.52 10.37 -18.63
CA GLU A 189 -0.43 10.43 -20.09
C GLU A 189 -1.57 9.63 -20.70
N ILE A 190 -1.85 8.45 -20.17
CA ILE A 190 -2.94 7.61 -20.71
C ILE A 190 -4.27 8.34 -20.48
N ALA A 191 -4.46 8.87 -19.29
CA ALA A 191 -5.71 9.60 -18.99
C ALA A 191 -5.92 10.75 -19.98
N ALA A 192 -4.89 11.54 -20.29
CA ALA A 192 -4.98 12.68 -21.22
C ALA A 192 -5.42 12.18 -22.60
N CYS A 193 -4.86 11.06 -23.04
CA CYS A 193 -5.14 10.50 -24.36
C CYS A 193 -6.61 10.07 -24.42
N LEU A 194 -7.09 9.36 -23.40
CA LEU A 194 -8.51 8.92 -23.30
C LEU A 194 -9.42 10.15 -23.24
N THR A 195 -9.10 11.15 -22.41
CA THR A 195 -9.90 12.39 -22.29
C THR A 195 -10.00 13.06 -23.66
N LYS A 196 -8.89 13.12 -24.38
CA LYS A 196 -8.89 13.73 -25.73
C LYS A 196 -9.81 12.91 -26.64
N ALA A 197 -9.95 11.59 -26.44
CA ALA A 197 -10.80 10.75 -27.30
C ALA A 197 -12.25 10.79 -26.80
N GLY A 198 -12.57 11.63 -25.81
CA GLY A 198 -13.97 11.86 -25.41
C GLY A 198 -14.37 10.98 -24.25
N LYS A 199 -13.42 10.30 -23.62
CA LYS A 199 -13.73 9.45 -22.45
C LYS A 199 -13.73 10.24 -21.15
N ARG A 200 -14.53 9.76 -20.20
CA ARG A 200 -14.55 10.29 -18.82
C ARG A 200 -13.64 9.43 -17.96
N VAL A 201 -12.60 10.05 -17.40
CA VAL A 201 -11.51 9.34 -16.71
C VAL A 201 -11.41 9.83 -15.28
N ILE A 202 -11.26 8.89 -14.38
CA ILE A 202 -10.90 9.16 -12.95
C ILE A 202 -9.54 8.52 -12.75
N GLN A 203 -8.63 9.23 -12.09
CA GLN A 203 -7.28 8.74 -11.74
C GLN A 203 -7.18 8.50 -10.24
N LEU A 204 -6.66 7.33 -9.86
CA LEU A 204 -6.48 6.94 -8.44
C LEU A 204 -5.00 6.63 -8.22
N SER A 205 -4.47 7.09 -7.09
CA SER A 205 -3.12 6.74 -6.60
C SER A 205 -3.18 6.78 -5.09
N ARG A 206 -2.10 6.38 -4.40
CA ARG A 206 -2.11 6.31 -2.91
C ARG A 206 -2.54 7.64 -2.30
N LYS A 207 -1.94 8.75 -2.73
CA LYS A 207 -2.11 10.07 -2.05
C LYS A 207 -3.53 10.58 -2.32
N THR A 208 -4.18 10.17 -3.41
CA THR A 208 -5.52 10.73 -3.78
C THR A 208 -6.64 9.73 -3.51
N PHE A 209 -6.33 8.51 -3.11
CA PHE A 209 -7.29 7.37 -3.16
C PHE A 209 -8.61 7.72 -2.43
N GLU A 210 -8.63 8.11 -1.15
CA GLU A 210 -9.97 8.20 -0.49
C GLU A 210 -10.86 9.20 -1.24
N THR A 211 -10.38 10.43 -1.40
CA THR A 211 -11.12 11.50 -2.12
C THR A 211 -11.56 11.05 -3.50
N GLU A 212 -10.61 10.57 -4.33
CA GLU A 212 -10.93 10.32 -5.75
C GLU A 212 -11.81 9.09 -5.86
N PHE A 213 -11.63 8.08 -5.01
CA PHE A 213 -12.39 6.82 -5.13
C PHE A 213 -13.90 7.14 -5.08
N GLN A 214 -14.31 8.14 -4.30
CA GLN A 214 -15.76 8.47 -4.14
C GLN A 214 -16.34 8.90 -5.50
N LYS A 215 -15.50 9.45 -6.40
CA LYS A 215 -15.95 9.83 -7.76
C LYS A 215 -16.45 8.61 -8.50
N THR A 216 -15.93 7.42 -8.22
CA THR A 216 -16.38 6.22 -8.95
C THR A 216 -17.83 5.91 -8.60
N LYS A 217 -18.31 6.42 -7.47
CA LYS A 217 -19.72 6.21 -7.09
C LYS A 217 -20.60 7.38 -7.52
N ASN A 218 -20.07 8.59 -7.45
CA ASN A 218 -20.85 9.84 -7.50
C ASN A 218 -20.92 10.41 -8.93
N GLN A 219 -20.06 9.96 -9.85
CA GLN A 219 -20.10 10.47 -11.22
C GLN A 219 -20.04 9.30 -12.19
N GLU A 220 -20.51 9.59 -13.39
CA GLU A 220 -20.38 8.66 -14.51
C GLU A 220 -18.93 8.69 -14.99
N TRP A 221 -18.42 7.52 -15.31
CA TRP A 221 -17.03 7.36 -15.80
C TRP A 221 -16.98 6.23 -16.82
N ASP A 222 -15.97 6.29 -17.70
CA ASP A 222 -15.68 5.27 -18.74
C ASP A 222 -14.43 4.49 -18.33
N PHE A 223 -13.46 5.19 -17.75
CA PHE A 223 -12.19 4.58 -17.30
C PHE A 223 -11.84 5.09 -15.90
N VAL A 224 -11.34 4.17 -15.10
CA VAL A 224 -10.52 4.45 -13.91
C VAL A 224 -9.08 4.09 -14.28
N ILE A 225 -8.20 5.06 -14.22
CA ILE A 225 -6.74 4.85 -14.37
C ILE A 225 -6.16 4.78 -12.97
N THR A 226 -5.54 3.68 -12.62
CA THR A 226 -5.13 3.46 -11.21
C THR A 226 -3.74 2.84 -11.17
N THR A 227 -3.00 3.20 -10.13
CA THR A 227 -1.79 2.46 -9.74
C THR A 227 -2.20 1.20 -8.99
N ASP A 228 -1.21 0.45 -8.57
CA ASP A 228 -1.41 -0.83 -7.82
C ASP A 228 -2.23 -0.65 -6.51
N ILE A 229 -2.49 0.57 -6.02
CA ILE A 229 -3.26 0.73 -4.75
C ILE A 229 -4.64 0.07 -4.88
N SER A 230 -5.20 -0.01 -6.11
CA SER A 230 -6.55 -0.60 -6.30
C SER A 230 -6.52 -2.13 -6.23
N GLU A 231 -5.34 -2.74 -6.00
CA GLU A 231 -5.23 -4.18 -5.68
C GLU A 231 -5.76 -4.44 -4.28
N MET A 232 -5.99 -3.42 -3.46
CA MET A 232 -6.26 -3.62 -2.01
C MET A 232 -7.77 -3.45 -1.69
N GLY A 233 -8.59 -4.29 -2.31
CA GLY A 233 -10.01 -4.42 -2.01
C GLY A 233 -10.85 -3.26 -2.53
N ALA A 234 -10.38 -2.52 -3.54
CA ALA A 234 -11.14 -1.43 -4.21
C ALA A 234 -12.19 -2.08 -5.11
N ASN A 235 -13.49 -1.82 -4.91
CA ASN A 235 -14.50 -2.47 -5.79
C ASN A 235 -15.15 -1.43 -6.71
N PHE A 236 -15.25 -1.83 -7.97
CA PHE A 236 -15.75 -1.00 -9.08
C PHE A 236 -16.93 -1.74 -9.69
N LYS A 237 -17.85 -1.02 -10.28
CA LYS A 237 -18.95 -1.70 -11.02
C LYS A 237 -18.46 -1.73 -12.46
N ALA A 238 -17.48 -2.58 -12.74
CA ALA A 238 -16.74 -2.52 -14.04
C ALA A 238 -16.97 -3.80 -14.83
N ASP A 239 -16.75 -3.75 -16.14
CA ASP A 239 -16.81 -5.03 -16.89
C ASP A 239 -15.51 -5.28 -17.63
N ARG A 240 -14.50 -4.43 -17.47
CA ARG A 240 -13.22 -4.75 -18.09
C ARG A 240 -12.06 -4.26 -17.22
N VAL A 241 -11.01 -5.05 -17.13
CA VAL A 241 -9.69 -4.58 -16.62
C VAL A 241 -8.71 -4.62 -17.77
N ILE A 242 -8.00 -3.50 -17.96
CA ILE A 242 -6.80 -3.42 -18.82
C ILE A 242 -5.63 -3.40 -17.84
N ASP A 243 -4.72 -4.33 -17.99
CA ASP A 243 -3.60 -4.43 -17.03
C ASP A 243 -2.31 -4.35 -17.81
N SER A 244 -1.55 -3.26 -17.65
CA SER A 244 -0.19 -3.18 -18.19
C SER A 244 0.66 -4.37 -17.73
N ARG A 245 0.34 -4.93 -16.55
CA ARG A 245 1.12 -5.97 -15.84
C ARG A 245 2.48 -5.41 -15.45
N ARG A 246 2.57 -4.10 -15.23
CA ARG A 246 3.86 -3.45 -14.89
C ARG A 246 3.70 -2.63 -13.61
N CYS A 247 4.82 -2.46 -12.91
CA CYS A 247 4.87 -1.70 -11.66
C CYS A 247 6.27 -1.09 -11.58
N LEU A 248 6.45 -0.19 -10.63
CA LEU A 248 7.78 0.36 -10.29
C LEU A 248 8.29 -0.39 -9.08
N LYS A 249 9.60 -0.61 -9.04
CA LYS A 249 10.20 -1.37 -7.94
C LYS A 249 11.18 -0.42 -7.26
N PRO A 250 10.97 0.00 -5.99
CA PRO A 250 11.97 0.81 -5.32
C PRO A 250 13.12 -0.15 -5.02
N VAL A 251 14.34 0.27 -5.31
CA VAL A 251 15.56 -0.55 -5.18
C VAL A 251 16.62 0.31 -4.47
N ILE A 252 17.18 -0.20 -3.41
CA ILE A 252 18.33 0.45 -2.73
C ILE A 252 19.60 0.05 -3.47
N LEU A 253 20.34 1.02 -4.02
CA LEU A 253 21.63 0.83 -4.74
C LEU A 253 22.77 1.13 -3.77
N ASP A 254 23.65 0.17 -3.51
CA ASP A 254 24.92 0.39 -2.78
C ASP A 254 24.65 0.86 -1.34
N GLY A 255 23.48 0.54 -0.77
CA GLY A 255 23.05 1.07 0.55
C GLY A 255 22.99 2.59 0.63
N GLU A 256 22.96 3.31 -0.52
CA GLU A 256 23.32 4.77 -0.60
C GLU A 256 22.18 5.64 -1.17
N ARG A 257 21.30 5.06 -1.99
CA ARG A 257 20.24 5.81 -2.73
C ARG A 257 19.12 4.82 -3.03
N VAL A 258 17.93 5.34 -3.26
CA VAL A 258 16.77 4.53 -3.72
C VAL A 258 16.35 5.03 -5.09
N ILE A 259 16.27 4.09 -6.05
CA ILE A 259 15.76 4.41 -7.41
C ILE A 259 14.42 3.70 -7.55
N LEU A 260 13.58 4.24 -8.42
CA LEU A 260 12.34 3.56 -8.83
C LEU A 260 12.62 2.86 -10.14
N ALA A 261 13.02 1.59 -10.05
CA ALA A 261 13.41 0.72 -11.18
C ALA A 261 12.16 0.29 -11.95
N GLY A 262 12.34 0.09 -13.23
CA GLY A 262 11.30 -0.45 -14.14
C GLY A 262 10.82 0.63 -15.07
N PRO A 263 9.54 0.60 -15.49
CA PRO A 263 8.58 -0.39 -15.01
C PRO A 263 8.99 -1.83 -15.34
N MET A 264 8.56 -2.76 -14.52
CA MET A 264 8.88 -4.17 -14.70
C MET A 264 7.66 -5.00 -14.35
N PRO A 265 7.70 -6.32 -14.58
CA PRO A 265 6.52 -7.14 -14.35
C PRO A 265 6.04 -7.13 -12.90
N VAL A 266 4.72 -7.25 -12.78
CA VAL A 266 4.07 -7.43 -11.47
C VAL A 266 4.31 -8.85 -10.98
N THR A 267 4.04 -9.08 -9.69
CA THR A 267 3.96 -10.44 -9.15
C THR A 267 2.70 -11.14 -9.65
N HIS A 268 2.68 -12.45 -9.48
CA HIS A 268 1.44 -13.25 -9.73
C HIS A 268 0.31 -12.76 -8.83
N ALA A 269 0.62 -12.47 -7.57
CA ALA A 269 -0.41 -12.00 -6.62
C ALA A 269 -1.01 -10.68 -7.13
N SER A 270 -0.17 -9.75 -7.57
CA SER A 270 -0.66 -8.43 -8.04
C SER A 270 -1.53 -8.65 -9.27
N ALA A 271 -1.07 -9.48 -10.20
CA ALA A 271 -1.83 -9.73 -11.45
C ALA A 271 -3.19 -10.31 -11.08
N ALA A 272 -3.23 -11.23 -10.11
CA ALA A 272 -4.51 -11.91 -9.73
C ALA A 272 -5.42 -10.88 -9.07
N GLN A 273 -4.90 -9.93 -8.30
CA GLN A 273 -5.74 -8.89 -7.64
C GLN A 273 -6.24 -7.88 -8.67
N ARG A 274 -5.43 -7.55 -9.68
CA ARG A 274 -5.83 -6.59 -10.74
C ARG A 274 -6.98 -7.23 -11.51
N ARG A 275 -6.75 -8.44 -11.99
CA ARG A 275 -7.81 -9.22 -12.70
C ARG A 275 -9.04 -9.32 -11.80
N GLY A 276 -8.82 -9.54 -10.53
CA GLY A 276 -9.88 -9.84 -9.56
C GLY A 276 -10.80 -8.68 -9.34
N ARG A 277 -10.53 -7.51 -9.93
CA ARG A 277 -11.47 -6.36 -9.87
C ARG A 277 -12.73 -6.72 -10.65
N ILE A 278 -12.65 -7.66 -11.60
CA ILE A 278 -13.84 -7.99 -12.45
C ILE A 278 -14.12 -9.48 -12.34
N GLY A 279 -15.19 -9.96 -12.99
CA GLY A 279 -15.70 -11.32 -12.78
C GLY A 279 -16.35 -11.51 -11.41
N ARG A 280 -16.74 -10.41 -10.74
CA ARG A 280 -17.21 -10.45 -9.34
C ARG A 280 -18.73 -10.62 -9.29
N ASN A 281 -19.43 -10.46 -10.41
CA ASN A 281 -20.92 -10.49 -10.42
C ASN A 281 -21.38 -11.80 -11.07
N PRO A 282 -21.96 -12.75 -10.30
CA PRO A 282 -22.28 -14.06 -10.84
C PRO A 282 -23.34 -13.95 -11.95
N ASN A 283 -24.08 -12.84 -11.99
CA ASN A 283 -25.11 -12.57 -13.05
C ASN A 283 -24.52 -11.82 -14.26
N LYS A 284 -23.23 -11.50 -14.27
CA LYS A 284 -22.59 -10.83 -15.44
C LYS A 284 -21.34 -11.59 -15.85
N PRO A 285 -21.46 -12.71 -16.60
CA PRO A 285 -20.32 -13.42 -17.15
C PRO A 285 -19.74 -12.64 -18.34
N GLY A 286 -18.47 -12.90 -18.61
CA GLY A 286 -17.74 -12.40 -19.78
C GLY A 286 -17.13 -11.04 -19.53
N ASP A 287 -16.96 -10.66 -18.28
CA ASP A 287 -16.09 -9.50 -18.01
C ASP A 287 -14.72 -9.80 -18.65
N GLU A 288 -13.98 -8.77 -19.07
CA GLU A 288 -12.74 -8.92 -19.86
C GLU A 288 -11.54 -8.54 -19.01
N TYR A 289 -10.48 -9.34 -19.14
CA TYR A 289 -9.14 -9.03 -18.59
C TYR A 289 -8.17 -9.05 -19.73
N MET A 290 -7.68 -7.86 -20.07
CA MET A 290 -6.67 -7.70 -21.12
C MET A 290 -5.35 -7.47 -20.43
N TYR A 291 -4.33 -8.27 -20.69
CA TYR A 291 -3.06 -8.12 -19.95
C TYR A 291 -1.92 -8.00 -20.95
N GLY A 292 -0.98 -7.08 -20.66
CA GLY A 292 0.06 -6.67 -21.61
C GLY A 292 1.45 -7.10 -21.27
N GLY A 293 1.61 -8.13 -20.43
CA GLY A 293 2.92 -8.72 -20.11
C GLY A 293 2.80 -9.88 -19.17
N GLY A 294 3.91 -10.53 -18.89
CA GLY A 294 3.97 -11.67 -17.99
C GLY A 294 4.15 -11.24 -16.54
N CYS A 295 4.27 -12.21 -15.64
CA CYS A 295 4.48 -11.94 -14.21
C CYS A 295 5.92 -12.37 -13.88
N ALA A 296 6.46 -11.82 -12.81
CA ALA A 296 7.80 -12.20 -12.30
C ALA A 296 7.82 -11.92 -10.79
N GLU A 297 8.76 -12.48 -10.03
N GLU A 297 8.89 -12.39 -10.15
CA GLU A 297 8.73 -12.24 -8.57
CA GLU A 297 9.15 -12.31 -8.69
C GLU A 297 9.65 -11.03 -8.31
C GLU A 297 9.81 -10.96 -8.39
N THR A 298 9.09 -9.85 -8.63
CA THR A 298 9.73 -8.52 -8.53
C THR A 298 9.69 -7.99 -7.10
N ASP A 299 9.08 -8.74 -6.17
CA ASP A 299 9.15 -8.45 -4.71
C ASP A 299 10.54 -8.82 -4.18
N GLU A 300 11.30 -9.64 -4.89
CA GLU A 300 12.64 -10.06 -4.42
C GLU A 300 13.56 -8.85 -4.56
N GLY A 301 14.17 -8.41 -3.47
CA GLY A 301 15.09 -7.26 -3.43
C GLY A 301 14.35 -5.94 -3.50
N HIS A 302 13.02 -5.96 -3.35
CA HIS A 302 12.18 -4.75 -3.38
C HIS A 302 12.37 -4.02 -2.04
N ALA A 303 12.59 -2.72 -2.05
CA ALA A 303 12.97 -1.99 -0.80
C ALA A 303 11.90 -2.13 0.27
N HIS A 304 10.62 -2.36 -0.06
CA HIS A 304 9.58 -2.41 0.98
C HIS A 304 9.89 -3.47 2.06
N TRP A 305 10.54 -4.58 1.70
CA TRP A 305 10.83 -5.65 2.69
C TRP A 305 12.01 -5.22 3.58
N LEU A 306 12.96 -4.51 3.04
CA LEU A 306 14.05 -3.93 3.86
C LEU A 306 13.44 -2.85 4.76
N GLU A 307 12.66 -1.93 4.20
CA GLU A 307 11.92 -0.94 5.04
C GLU A 307 11.10 -1.62 6.16
N ALA A 308 10.38 -2.72 5.90
CA ALA A 308 9.63 -3.46 6.96
C ALA A 308 10.57 -3.89 8.08
N ARG A 309 11.79 -4.34 7.73
CA ARG A 309 12.79 -4.72 8.75
C ARG A 309 13.24 -3.48 9.55
N MET A 310 13.33 -2.32 8.93
CA MET A 310 13.68 -1.09 9.69
C MET A 310 12.55 -0.80 10.68
N LEU A 311 11.29 -1.00 10.27
CA LEU A 311 10.16 -0.74 11.19
C LEU A 311 10.21 -1.76 12.34
N LEU A 312 10.32 -3.06 12.02
CA LEU A 312 10.22 -4.11 13.05
C LEU A 312 11.39 -4.02 14.03
N ASP A 313 12.56 -3.60 13.56
CA ASP A 313 13.76 -3.46 14.44
C ASP A 313 13.49 -2.41 15.51
N ASN A 314 12.52 -1.52 15.29
CA ASN A 314 12.26 -0.36 16.16
C ASN A 314 10.92 -0.50 16.86
N ILE A 315 10.35 -1.70 16.89
CA ILE A 315 9.11 -2.00 17.65
C ILE A 315 9.47 -2.92 18.82
N TYR A 316 9.06 -2.53 20.03
CA TYR A 316 9.26 -3.37 21.23
C TYR A 316 8.38 -4.62 21.11
N LEU A 317 8.98 -5.78 21.34
CA LEU A 317 8.28 -7.10 21.39
C LEU A 317 8.39 -7.65 22.81
N GLN A 318 9.61 -7.94 23.24
CA GLN A 318 9.91 -8.50 24.59
C GLN A 318 11.42 -8.38 24.79
N ASP A 319 11.86 -7.67 25.83
CA ASP A 319 13.30 -7.40 26.13
C ASP A 319 13.98 -6.91 24.83
N GLY A 320 15.03 -7.60 24.39
CA GLY A 320 15.73 -7.22 23.14
C GLY A 320 15.26 -8.04 21.94
N LEU A 321 14.25 -8.89 22.11
CA LEU A 321 13.74 -9.71 20.97
C LEU A 321 13.14 -8.79 19.91
N ILE A 322 13.27 -9.22 18.66
CA ILE A 322 12.76 -8.46 17.50
C ILE A 322 11.89 -9.37 16.66
N ALA A 323 10.75 -8.84 16.20
CA ALA A 323 9.80 -9.61 15.40
C ALA A 323 10.47 -9.94 14.07
N SER A 324 10.19 -11.14 13.59
CA SER A 324 10.63 -11.64 12.27
C SER A 324 9.57 -11.27 11.25
N LEU A 325 9.96 -11.17 9.99
CA LEU A 325 8.97 -11.10 8.90
C LEU A 325 8.18 -12.41 8.90
N TYR A 326 6.95 -12.32 8.42
CA TYR A 326 6.06 -13.47 8.18
C TYR A 326 6.83 -14.44 7.27
N ARG A 327 6.94 -15.70 7.69
CA ARG A 327 7.88 -16.67 7.09
C ARG A 327 7.77 -16.65 5.57
N PRO A 328 6.59 -16.75 4.92
CA PRO A 328 6.57 -16.83 3.45
C PRO A 328 7.15 -15.63 2.70
N GLU A 329 7.33 -14.50 3.37
CA GLU A 329 7.86 -13.32 2.65
C GLU A 329 9.19 -12.94 3.25
N ALA A 330 9.79 -13.77 4.11
CA ALA A 330 11.01 -13.43 4.89
C ALA A 330 12.28 -13.50 4.03
N ASP A 331 12.27 -14.15 2.88
CA ASP A 331 13.51 -14.26 2.06
C ASP A 331 13.59 -13.15 1.03
N LYS A 332 12.64 -12.21 1.02
CA LYS A 332 12.54 -11.18 -0.06
C LYS A 332 13.55 -10.08 0.21
N VAL A 333 14.20 -10.12 1.37
CA VAL A 333 15.24 -9.14 1.77
C VAL A 333 16.42 -9.88 2.40
N ALA A 334 17.64 -9.42 2.12
CA ALA A 334 18.87 -9.86 2.81
C ALA A 334 19.15 -8.88 3.94
N ALA A 335 18.60 -9.14 5.12
CA ALA A 335 18.69 -8.23 6.27
C ALA A 335 19.00 -9.04 7.52
N ILE A 336 19.64 -8.42 8.48
CA ILE A 336 20.02 -9.02 9.79
C ILE A 336 19.03 -8.46 10.82
N GLU A 337 18.25 -9.33 11.44
CA GLU A 337 17.27 -8.91 12.48
C GLU A 337 18.06 -8.04 13.48
N GLY A 338 17.56 -6.84 13.75
CA GLY A 338 18.18 -5.94 14.74
C GLY A 338 19.17 -4.96 14.13
N GLU A 339 19.52 -5.07 12.85
CA GLU A 339 20.61 -4.23 12.30
C GLU A 339 20.17 -2.77 12.28
N PHE A 340 18.86 -2.48 12.27
CA PHE A 340 18.33 -1.10 12.14
C PHE A 340 17.78 -0.61 13.49
N LYS A 341 18.03 -1.34 14.58
CA LYS A 341 17.56 -0.95 15.91
C LYS A 341 18.23 0.38 16.31
N LEU A 342 17.44 1.41 16.55
CA LEU A 342 17.98 2.74 16.92
C LEU A 342 17.91 2.95 18.43
N ARG A 343 18.84 3.75 18.95
CA ARG A 343 18.77 4.27 20.34
C ARG A 343 17.57 5.22 20.48
N THR A 344 17.15 5.49 21.72
CA THR A 344 15.84 6.13 22.02
C THR A 344 15.64 7.42 21.19
N GLU A 345 16.55 8.38 21.25
CA GLU A 345 16.31 9.70 20.60
C GLU A 345 16.34 9.56 19.07
N GLN A 346 17.24 8.74 18.53
CA GLN A 346 17.30 8.52 17.06
C GLN A 346 16.02 7.80 16.62
N ARG A 347 15.51 6.87 17.42
CA ARG A 347 14.24 6.19 17.08
C ARG A 347 13.07 7.18 17.02
N LYS A 348 12.98 8.06 17.99
CA LYS A 348 11.92 9.08 18.02
C LYS A 348 12.01 9.93 16.75
N THR A 349 13.23 10.28 16.35
CA THR A 349 13.46 11.10 15.13
C THR A 349 12.96 10.32 13.91
N PHE A 350 13.34 9.06 13.84
CA PHE A 350 12.93 8.15 12.74
C PHE A 350 11.41 8.15 12.63
N VAL A 351 10.75 7.94 13.74
CA VAL A 351 9.27 7.89 13.77
C VAL A 351 8.72 9.24 13.27
N GLU A 352 9.25 10.34 13.75
CA GLU A 352 8.63 11.64 13.40
C GLU A 352 8.88 11.95 11.93
N LEU A 353 10.04 11.57 11.38
CA LEU A 353 10.34 11.81 9.95
C LEU A 353 9.34 11.03 9.10
N MET A 354 8.88 9.89 9.60
CA MET A 354 7.82 9.16 8.84
C MET A 354 6.45 9.78 9.12
N LYS A 355 6.09 9.95 10.38
CA LYS A 355 4.71 10.36 10.74
C LYS A 355 4.41 11.80 10.31
N ARG A 356 5.19 12.76 10.77
CA ARG A 356 5.00 14.19 10.42
C ARG A 356 5.77 14.54 9.13
N GLY A 357 6.98 14.01 8.96
CA GLY A 357 7.78 14.29 7.76
C GLY A 357 7.19 13.68 6.50
N ASP A 358 6.42 12.60 6.62
CA ASP A 358 5.88 11.87 5.45
C ASP A 358 7.03 11.44 4.55
N LEU A 359 8.21 11.18 5.10
CA LEU A 359 9.32 10.64 4.28
C LEU A 359 9.23 9.13 4.16
N PRO A 360 9.70 8.57 3.03
CA PRO A 360 9.81 7.12 2.93
C PRO A 360 10.60 6.54 4.10
N VAL A 361 10.30 5.31 4.48
CA VAL A 361 10.99 4.67 5.63
C VAL A 361 12.51 4.74 5.44
N TRP A 362 13.00 4.32 4.29
CA TRP A 362 14.46 4.22 4.07
C TRP A 362 15.12 5.59 4.28
N LEU A 363 14.52 6.66 3.77
CA LEU A 363 15.08 8.02 3.85
C LEU A 363 15.02 8.47 5.33
N ALA A 364 13.87 8.28 5.98
CA ALA A 364 13.74 8.61 7.42
C ALA A 364 14.85 7.93 8.22
N TYR A 365 15.14 6.68 7.91
CA TYR A 365 16.19 5.91 8.63
C TYR A 365 17.57 6.54 8.41
N GLN A 366 17.88 6.94 7.17
CA GLN A 366 19.22 7.50 6.85
C GLN A 366 19.39 8.73 7.72
N VAL A 367 18.36 9.57 7.81
CA VAL A 367 18.49 10.89 8.49
C VAL A 367 18.62 10.64 9.98
N ALA A 368 17.75 9.83 10.54
CA ALA A 368 17.72 9.60 12.00
C ALA A 368 19.05 8.92 12.39
N SER A 369 19.54 7.96 11.60
CA SER A 369 20.73 7.17 11.99
C SER A 369 21.99 8.02 11.87
N ALA A 370 21.91 9.13 11.14
CA ALA A 370 23.03 10.07 10.98
C ALA A 370 23.11 11.02 12.18
N GLY A 371 22.15 10.92 13.10
CA GLY A 371 22.11 11.78 14.30
C GLY A 371 21.62 13.18 13.98
N ILE A 372 20.83 13.34 12.91
CA ILE A 372 20.16 14.61 12.53
C ILE A 372 18.83 14.67 13.27
N THR A 373 18.49 15.83 13.84
CA THR A 373 17.17 16.00 14.51
C THR A 373 16.09 16.36 13.51
N TYR A 374 14.83 16.13 13.89
CA TYR A 374 13.67 16.20 12.97
C TYR A 374 13.68 17.52 12.20
N THR A 375 13.86 18.66 12.87
CA THR A 375 13.71 20.01 12.28
C THR A 375 14.98 20.49 11.54
N ASP A 376 16.05 19.72 11.56
CA ASP A 376 17.35 20.09 10.93
C ASP A 376 17.31 19.65 9.46
N ARG A 377 17.18 20.61 8.55
CA ARG A 377 16.92 20.30 7.12
C ARG A 377 18.18 20.57 6.29
N ARG A 378 19.33 20.79 6.93
CA ARG A 378 20.58 21.08 6.20
C ARG A 378 20.85 19.97 5.19
N TRP A 379 20.57 18.71 5.52
CA TRP A 379 20.83 17.55 4.63
C TRP A 379 20.06 17.66 3.32
N CYS A 380 19.01 18.44 3.24
CA CYS A 380 18.18 18.55 2.02
C CYS A 380 18.93 19.33 0.94
N PHE A 381 20.07 19.91 1.28
CA PHE A 381 20.80 20.88 0.42
C PHE A 381 22.27 20.50 0.21
N ASP A 382 22.83 19.53 0.93
CA ASP A 382 24.32 19.37 0.96
C ASP A 382 24.75 18.04 0.31
N GLY A 383 23.91 17.46 -0.53
CA GLY A 383 24.26 16.27 -1.32
C GLY A 383 25.17 16.62 -2.51
N THR A 384 25.65 15.60 -3.21
CA THR A 384 26.45 15.75 -4.44
C THR A 384 25.57 16.32 -5.57
N THR A 385 26.18 16.85 -6.62
CA THR A 385 25.45 17.43 -7.77
C THR A 385 24.57 16.32 -8.39
N ASN A 386 24.98 15.06 -8.33
CA ASN A 386 24.18 13.99 -8.98
C ASN A 386 22.91 13.70 -8.18
N ASN A 387 22.80 14.21 -6.95
CA ASN A 387 21.55 14.14 -6.12
C ASN A 387 20.65 15.35 -6.33
N THR A 388 20.94 16.22 -7.32
CA THR A 388 20.08 17.37 -7.67
C THR A 388 18.71 16.89 -8.13
N ILE A 389 17.67 17.40 -7.51
CA ILE A 389 16.29 17.02 -7.89
C ILE A 389 15.83 18.03 -8.95
N MET A 390 15.34 17.53 -10.07
CA MET A 390 14.94 18.34 -11.24
C MET A 390 13.43 18.54 -11.20
N GLU A 391 12.96 19.74 -11.59
N GLU A 391 13.00 19.74 -11.61
CA GLU A 391 11.52 20.07 -11.78
CA GLU A 391 11.57 20.15 -11.78
C GLU A 391 11.37 20.70 -13.18
C GLU A 391 11.41 20.71 -13.20
N ASP A 392 10.84 19.94 -14.13
CA ASP A 392 10.65 20.37 -15.54
C ASP A 392 12.04 20.73 -16.12
N SER A 393 12.99 19.82 -15.92
CA SER A 393 14.32 19.82 -16.58
C SER A 393 15.23 20.90 -16.03
N VAL A 394 14.87 21.58 -14.93
CA VAL A 394 15.69 22.61 -14.24
C VAL A 394 15.85 22.16 -12.78
N PRO A 395 16.97 22.41 -12.08
CA PRO A 395 17.06 22.05 -10.66
C PRO A 395 15.88 22.66 -9.89
N ALA A 396 15.26 21.87 -9.02
CA ALA A 396 14.21 22.36 -8.09
C ALA A 396 14.89 23.27 -7.08
N GLU A 397 14.18 24.33 -6.70
CA GLU A 397 14.72 25.32 -5.76
C GLU A 397 13.66 25.59 -4.70
N VAL A 398 14.12 25.81 -3.46
CA VAL A 398 13.22 26.19 -2.36
C VAL A 398 13.89 27.36 -1.62
N TRP A 399 13.07 28.09 -0.88
CA TRP A 399 13.62 29.00 0.13
C TRP A 399 13.77 28.21 1.41
N THR A 400 14.97 28.16 1.94
CA THR A 400 15.23 27.46 3.21
C THR A 400 14.49 28.21 4.32
N LYS A 401 14.42 27.59 5.47
CA LYS A 401 13.82 28.19 6.67
C LYS A 401 14.61 29.43 7.07
N TYR A 402 15.80 29.64 6.51
CA TYR A 402 16.64 30.82 6.80
C TYR A 402 16.33 31.96 5.84
N GLY A 403 15.58 31.66 4.77
CA GLY A 403 15.17 32.62 3.74
C GLY A 403 16.13 32.65 2.59
N GLU A 404 16.98 31.63 2.43
CA GLU A 404 17.97 31.57 1.34
C GLU A 404 17.41 30.68 0.24
N LYS A 405 17.40 31.12 -1.03
CA LYS A 405 17.01 30.23 -2.16
C LYS A 405 18.13 29.22 -2.40
N ARG A 406 17.82 27.93 -2.37
CA ARG A 406 18.81 26.89 -2.61
C ARG A 406 18.25 25.81 -3.53
N VAL A 407 19.18 25.18 -4.24
CA VAL A 407 18.92 23.98 -5.02
C VAL A 407 18.69 22.82 -4.06
N LEU A 408 17.62 22.10 -4.34
CA LEU A 408 17.26 20.87 -3.64
C LEU A 408 18.21 19.75 -4.11
N LYS A 409 19.04 19.29 -3.19
CA LYS A 409 20.15 18.36 -3.47
C LYS A 409 20.36 17.52 -2.22
N PRO A 410 19.43 16.59 -1.91
CA PRO A 410 19.47 15.90 -0.63
C PRO A 410 20.71 15.02 -0.51
N ARG A 411 21.19 14.89 0.72
CA ARG A 411 22.40 14.08 1.00
C ARG A 411 22.17 12.62 0.63
N TRP A 412 20.92 12.17 0.82
CA TRP A 412 20.42 10.82 0.48
C TRP A 412 19.29 11.02 -0.50
N MET A 413 19.43 10.40 -1.67
CA MET A 413 18.48 10.58 -2.77
C MET A 413 17.54 9.37 -2.75
N ASP A 414 16.28 9.58 -2.48
CA ASP A 414 15.23 8.53 -2.56
C ASP A 414 14.24 9.01 -3.61
N ALA A 415 14.17 8.34 -4.74
CA ALA A 415 13.34 8.68 -5.91
C ALA A 415 11.86 8.88 -5.53
N ARG A 416 11.38 8.27 -4.49
CA ARG A 416 9.96 8.41 -4.10
C ARG A 416 9.65 9.82 -3.63
N VAL A 417 10.64 10.64 -3.25
CA VAL A 417 10.29 12.02 -2.81
C VAL A 417 9.99 12.89 -4.04
N CYS A 418 10.22 12.43 -5.26
CA CYS A 418 9.97 13.26 -6.47
C CYS A 418 9.40 12.42 -7.61
N SER A 419 8.68 11.33 -7.29
CA SER A 419 8.10 10.36 -8.27
C SER A 419 7.05 11.05 -9.15
N ASP A 420 6.50 12.17 -8.69
CA ASP A 420 5.44 12.91 -9.40
C ASP A 420 5.40 14.34 -8.84
N HIS A 421 4.60 15.22 -9.44
CA HIS A 421 4.58 16.66 -9.05
C HIS A 421 4.16 16.79 -7.58
N ALA A 422 3.15 16.03 -7.13
CA ALA A 422 2.66 16.12 -5.73
C ALA A 422 3.76 15.71 -4.75
N ALA A 423 4.47 14.61 -5.04
CA ALA A 423 5.56 14.16 -4.16
C ALA A 423 6.59 15.28 -4.06
N LEU A 424 7.05 15.80 -5.20
CA LEU A 424 8.13 16.80 -5.18
C LEU A 424 7.60 18.02 -4.42
N LYS A 425 6.33 18.38 -4.61
CA LYS A 425 5.78 19.55 -3.87
C LYS A 425 5.91 19.33 -2.36
N SER A 426 5.46 18.17 -1.89
CA SER A 426 5.55 17.78 -0.47
C SER A 426 7.00 17.84 0.00
N PHE A 427 7.93 17.29 -0.76
CA PHE A 427 9.35 17.28 -0.32
C PHE A 427 9.92 18.70 -0.29
N LYS A 428 9.55 19.56 -1.23
CA LYS A 428 9.96 20.99 -1.24
C LYS A 428 9.51 21.65 0.08
N GLU A 429 8.30 21.39 0.48
CA GLU A 429 7.69 21.97 1.71
C GLU A 429 8.49 21.44 2.89
N PHE A 430 8.86 20.15 2.87
CA PHE A 430 9.71 19.58 3.93
C PHE A 430 11.05 20.30 3.98
N ALA A 431 11.74 20.44 2.86
CA ALA A 431 13.10 20.99 2.84
C ALA A 431 13.06 22.44 3.31
N ALA A 432 11.93 23.10 3.09
CA ALA A 432 11.68 24.51 3.46
C ALA A 432 11.37 24.66 4.97
N GLY A 433 11.21 23.58 5.71
CA GLY A 433 10.85 23.62 7.13
C GLY A 433 9.37 23.88 7.37
N LYS A 434 8.49 23.63 6.40
CA LYS A 434 7.05 23.95 6.52
C LYS A 434 6.27 22.85 7.25
N ARG A 435 6.92 21.73 7.59
CA ARG A 435 6.28 20.75 8.52
C ARG A 435 7.37 19.98 9.26
#